data_2BDW
#
_entry.id   2BDW
#
_cell.length_a   46.121
_cell.length_b   77.104
_cell.length_c   119.520
_cell.angle_alpha   90.00
_cell.angle_beta   96.74
_cell.angle_gamma   90.00
#
_symmetry.space_group_name_H-M   'P 1 21 1'
#
loop_
_entity.id
_entity.type
_entity.pdbx_description
1 polymer 'Hypothetical protein K11E8.1d'
2 water water
#
_entity_poly.entity_id   1
_entity_poly.type   'polypeptide(L)'
_entity_poly.pdbx_seq_one_letter_code
;GPHMASMTGGQQMGRGSEFMMNASTKFSDNYDVKEELGKGAFSVVRRCVHKTTGLEFAAKIINTKKLSARDFQKLEREAR
ICRKLQHPNIVRLHDSIQEESFHYLVFDLVTGGELFEDIVAREFYSEADASHCIQQILESIAYCHSNGIVHRNLKPENLL
LASKAKGAAVKLADFGLAIEVNDSEAWHGFAGTPGYLSPEVLKKDPYSKPVDIWACGVILYILLVGYPPFWDEDQHRLYA
QIKAGAYDYPSPEWDTVTPEAKSLIDSMLTVNPKKRITADQALKVPWICNRERVASAIHRQDTVDCLKKFNARRKLKGAI
LTTMIATRNLSNLGRNLLNKKEQGPPSTIKESSESSQTIDDN
;
_entity_poly.pdbx_strand_id   A,B
#
# COMPACT_ATOMS: atom_id res chain seq x y z
N SER A 24 -30.52 -10.96 7.25
CA SER A 24 -30.34 -10.61 8.70
C SER A 24 -29.36 -9.45 8.84
N THR A 25 -29.16 -9.01 10.08
CA THR A 25 -28.25 -7.91 10.37
C THR A 25 -27.18 -8.37 11.35
N LYS A 26 -26.82 -9.64 11.27
CA LYS A 26 -25.82 -10.22 12.15
C LYS A 26 -24.47 -9.51 12.15
N PHE A 27 -24.09 -8.90 11.02
CA PHE A 27 -22.81 -8.21 10.96
C PHE A 27 -22.84 -6.84 11.61
N SER A 28 -23.76 -6.00 11.17
CA SER A 28 -23.89 -4.64 11.70
C SER A 28 -24.10 -4.58 13.21
N ASP A 29 -24.72 -5.60 13.78
CA ASP A 29 -24.98 -5.62 15.22
C ASP A 29 -23.84 -6.23 16.03
N ASN A 30 -23.01 -7.05 15.39
CA ASN A 30 -21.92 -7.71 16.09
C ASN A 30 -20.53 -7.14 15.82
N TYR A 31 -20.39 -6.35 14.75
CA TYR A 31 -19.09 -5.79 14.40
C TYR A 31 -19.07 -4.27 14.24
N ASP A 32 -17.93 -3.69 14.56
CA ASP A 32 -17.71 -2.26 14.41
C ASP A 32 -16.69 -2.15 13.27
N VAL A 33 -17.09 -1.53 12.18
CA VAL A 33 -16.23 -1.38 11.01
C VAL A 33 -15.19 -0.26 11.20
N LYS A 34 -13.93 -0.56 10.87
CA LYS A 34 -12.85 0.41 10.99
C LYS A 34 -12.36 0.89 9.62
N GLU A 35 -11.06 1.14 9.50
CA GLU A 35 -10.52 1.66 8.23
C GLU A 35 -10.33 0.65 7.10
N GLU A 36 -10.24 1.18 5.89
CA GLU A 36 -10.06 0.38 4.68
C GLU A 36 -8.64 -0.15 4.63
N LEU A 37 -8.50 -1.43 4.27
CA LEU A 37 -7.19 -2.07 4.19
C LEU A 37 -6.73 -2.24 2.74
N GLY A 38 -7.70 -2.23 1.83
CA GLY A 38 -7.37 -2.38 0.42
C GLY A 38 -8.60 -2.70 -0.39
N LYS A 39 -8.40 -3.12 -1.64
CA LYS A 39 -9.50 -3.45 -2.53
C LYS A 39 -9.22 -4.70 -3.37
N GLY A 40 -10.27 -5.48 -3.60
CA GLY A 40 -10.12 -6.69 -4.40
C GLY A 40 -10.80 -6.52 -5.74
N ALA A 41 -10.88 -7.60 -6.51
CA ALA A 41 -11.50 -7.57 -7.82
C ALA A 41 -12.91 -6.98 -7.77
N PHE A 42 -13.70 -7.43 -6.81
CA PHE A 42 -15.07 -6.93 -6.67
C PHE A 42 -15.44 -6.71 -5.22
N SER A 43 -14.51 -6.14 -4.45
CA SER A 43 -14.78 -5.90 -3.04
C SER A 43 -13.82 -4.88 -2.43
N VAL A 44 -14.13 -4.48 -1.20
CA VAL A 44 -13.31 -3.55 -0.44
C VAL A 44 -13.10 -4.24 0.91
N VAL A 45 -11.87 -4.18 1.42
CA VAL A 45 -11.56 -4.81 2.70
C VAL A 45 -11.33 -3.78 3.79
N ARG A 46 -12.03 -3.96 4.92
CA ARG A 46 -11.89 -3.05 6.04
C ARG A 46 -11.69 -3.80 7.35
N ARG A 47 -10.88 -3.24 8.24
CA ARG A 47 -10.66 -3.86 9.54
C ARG A 47 -11.98 -3.73 10.30
N CYS A 48 -12.26 -4.70 11.16
CA CYS A 48 -13.47 -4.65 11.97
C CYS A 48 -13.17 -5.27 13.32
N VAL A 49 -13.99 -4.93 14.32
CA VAL A 49 -13.81 -5.45 15.66
C VAL A 49 -15.09 -6.06 16.19
N HIS A 50 -15.01 -7.29 16.67
CA HIS A 50 -16.18 -7.97 17.22
C HIS A 50 -16.53 -7.24 18.52
N LYS A 51 -17.77 -6.79 18.62
CA LYS A 51 -18.22 -6.05 19.80
C LYS A 51 -18.15 -6.81 21.12
N THR A 52 -18.48 -8.10 21.08
CA THR A 52 -18.47 -8.90 22.30
C THR A 52 -17.11 -9.43 22.72
N THR A 53 -16.34 -9.98 21.80
CA THR A 53 -15.04 -10.53 22.12
C THR A 53 -13.95 -9.47 22.06
N GLY A 54 -14.20 -8.42 21.29
CA GLY A 54 -13.23 -7.35 21.14
C GLY A 54 -12.13 -7.74 20.16
N LEU A 55 -12.25 -8.92 19.56
CA LEU A 55 -11.27 -9.41 18.60
C LEU A 55 -11.34 -8.69 17.26
N GLU A 56 -10.18 -8.46 16.65
CA GLU A 56 -10.12 -7.76 15.36
C GLU A 56 -9.99 -8.72 14.18
N PHE A 57 -10.60 -8.33 13.08
CA PHE A 57 -10.61 -9.13 11.84
C PHE A 57 -10.52 -8.24 10.61
N ALA A 58 -10.43 -8.87 9.45
CA ALA A 58 -10.40 -8.17 8.16
C ALA A 58 -11.68 -8.57 7.46
N ALA A 59 -12.54 -7.60 7.16
CA ALA A 59 -13.80 -7.91 6.50
C ALA A 59 -13.82 -7.55 5.02
N LYS A 60 -14.09 -8.54 4.20
CA LYS A 60 -14.23 -8.33 2.79
C LYS A 60 -15.70 -8.01 2.55
N ILE A 61 -15.99 -6.79 2.12
CA ILE A 61 -17.37 -6.34 1.92
C ILE A 61 -17.73 -6.32 0.43
N ILE A 62 -18.78 -7.07 0.08
CA ILE A 62 -19.20 -7.18 -1.31
C ILE A 62 -20.66 -6.80 -1.52
N ASN A 63 -20.92 -5.98 -2.53
CA ASN A 63 -22.29 -5.59 -2.87
C ASN A 63 -22.78 -6.69 -3.81
N THR A 64 -23.59 -7.60 -3.27
CA THR A 64 -24.10 -8.72 -4.06
C THR A 64 -25.07 -8.37 -5.19
N LYS A 65 -25.84 -7.30 -5.00
CA LYS A 65 -26.79 -6.89 -6.02
C LYS A 65 -26.10 -6.47 -7.31
N LYS A 66 -25.03 -5.68 -7.16
CA LYS A 66 -24.26 -5.19 -8.31
C LYS A 66 -23.37 -6.26 -8.94
N LEU A 67 -23.06 -7.32 -8.18
CA LEU A 67 -22.21 -8.38 -8.68
C LEU A 67 -22.77 -9.02 -9.95
N SER A 68 -21.90 -9.28 -10.90
CA SER A 68 -22.31 -9.94 -12.13
C SER A 68 -22.51 -11.40 -11.78
N ALA A 69 -23.15 -12.16 -12.67
CA ALA A 69 -23.38 -13.57 -12.42
C ALA A 69 -22.07 -14.34 -12.27
N ARG A 70 -21.11 -14.00 -13.12
CA ARG A 70 -19.80 -14.65 -13.10
C ARG A 70 -19.09 -14.49 -11.77
N ASP A 71 -19.09 -13.26 -11.25
CA ASP A 71 -18.43 -12.97 -9.99
C ASP A 71 -19.18 -13.58 -8.81
N PHE A 72 -20.50 -13.65 -8.90
CA PHE A 72 -21.31 -14.24 -7.84
C PHE A 72 -20.92 -15.71 -7.70
N GLN A 73 -20.68 -16.37 -8.82
CA GLN A 73 -20.30 -17.78 -8.79
C GLN A 73 -18.91 -17.92 -8.13
N LYS A 74 -18.02 -17.00 -8.45
CA LYS A 74 -16.68 -17.02 -7.86
C LYS A 74 -16.77 -16.87 -6.35
N LEU A 75 -17.64 -15.97 -5.91
CA LEU A 75 -17.83 -15.70 -4.49
C LEU A 75 -18.38 -16.92 -3.75
N GLU A 76 -19.38 -17.57 -4.32
CA GLU A 76 -19.97 -18.75 -3.70
C GLU A 76 -18.89 -19.81 -3.50
N ARG A 77 -18.06 -20.02 -4.53
CA ARG A 77 -17.01 -21.03 -4.45
C ARG A 77 -16.00 -20.66 -3.37
N GLU A 78 -15.59 -19.38 -3.36
CA GLU A 78 -14.62 -18.88 -2.38
C GLU A 78 -15.10 -19.11 -0.95
N ALA A 79 -16.34 -18.69 -0.67
CA ALA A 79 -16.91 -18.84 0.67
C ALA A 79 -16.98 -20.30 1.12
N ARG A 80 -17.37 -21.19 0.22
CA ARG A 80 -17.48 -22.60 0.56
C ARG A 80 -16.10 -23.18 0.87
N ILE A 81 -15.14 -22.93 -0.01
CA ILE A 81 -13.80 -23.45 0.22
C ILE A 81 -13.17 -22.89 1.48
N CYS A 82 -13.26 -21.58 1.68
CA CYS A 82 -12.67 -20.97 2.86
C CYS A 82 -13.32 -21.48 4.16
N ARG A 83 -14.62 -21.76 4.10
CA ARG A 83 -15.31 -22.27 5.28
C ARG A 83 -14.72 -23.61 5.70
N LYS A 84 -14.31 -24.41 4.71
CA LYS A 84 -13.72 -25.73 4.97
C LYS A 84 -12.31 -25.66 5.52
N LEU A 85 -11.57 -24.63 5.15
CA LEU A 85 -10.18 -24.53 5.58
C LEU A 85 -9.98 -23.82 6.91
N GLN A 86 -10.13 -24.58 7.99
CA GLN A 86 -9.97 -24.07 9.35
C GLN A 86 -8.70 -24.67 9.95
N HIS A 87 -7.58 -23.99 9.74
CA HIS A 87 -6.28 -24.44 10.24
C HIS A 87 -5.51 -23.19 10.67
N PRO A 88 -4.71 -23.29 11.73
CA PRO A 88 -3.95 -22.13 12.21
C PRO A 88 -2.93 -21.53 11.23
N ASN A 89 -2.45 -22.33 10.27
CA ASN A 89 -1.49 -21.82 9.30
C ASN A 89 -2.12 -21.40 7.98
N ILE A 90 -3.40 -21.07 8.03
CA ILE A 90 -4.15 -20.60 6.89
C ILE A 90 -4.89 -19.31 7.25
N VAL A 91 -5.00 -18.36 6.30
CA VAL A 91 -5.80 -17.12 6.53
C VAL A 91 -7.28 -17.55 6.63
N ARG A 92 -7.73 -17.78 7.87
CA ARG A 92 -9.08 -18.26 8.14
C ARG A 92 -10.25 -17.28 8.01
N LEU A 93 -11.32 -17.76 7.36
CA LEU A 93 -12.55 -17.04 7.21
C LEU A 93 -13.42 -17.30 8.46
N HIS A 94 -13.56 -16.30 9.30
CA HIS A 94 -14.28 -16.43 10.57
C HIS A 94 -15.80 -16.58 10.45
N ASP A 95 -16.36 -15.82 9.53
CA ASP A 95 -17.81 -15.85 9.30
C ASP A 95 -18.17 -15.36 7.91
N SER A 96 -19.36 -15.74 7.46
CA SER A 96 -19.86 -15.35 6.14
C SER A 96 -21.29 -14.90 6.39
N ILE A 97 -21.52 -13.60 6.27
CA ILE A 97 -22.82 -13.03 6.54
C ILE A 97 -23.40 -12.24 5.38
N GLN A 98 -24.66 -12.50 5.08
CA GLN A 98 -25.37 -11.81 4.02
C GLN A 98 -26.39 -10.85 4.62
N GLU A 99 -26.33 -9.58 4.26
CA GLU A 99 -27.29 -8.62 4.76
C GLU A 99 -28.11 -8.16 3.56
N GLU A 100 -28.83 -7.04 3.69
CA GLU A 100 -29.65 -6.56 2.59
C GLU A 100 -28.97 -6.70 1.22
N SER A 101 -28.08 -5.78 0.89
CA SER A 101 -27.40 -5.84 -0.40
C SER A 101 -25.94 -6.25 -0.33
N PHE A 102 -25.39 -6.32 0.88
CA PHE A 102 -23.98 -6.68 1.01
C PHE A 102 -23.72 -8.01 1.69
N HIS A 103 -22.60 -8.61 1.32
CA HIS A 103 -22.19 -9.86 1.94
C HIS A 103 -20.86 -9.54 2.62
N TYR A 104 -20.64 -10.16 3.78
CA TYR A 104 -19.41 -9.93 4.52
C TYR A 104 -18.66 -11.22 4.79
N LEU A 105 -17.39 -11.25 4.41
CA LEU A 105 -16.53 -12.38 4.65
C LEU A 105 -15.51 -11.91 5.67
N VAL A 106 -15.67 -12.38 6.89
CA VAL A 106 -14.75 -12.01 7.98
C VAL A 106 -13.57 -12.96 8.07
N PHE A 107 -12.37 -12.45 7.80
CA PHE A 107 -11.14 -13.25 7.81
C PHE A 107 -10.16 -12.82 8.90
N ASP A 108 -9.11 -13.63 9.08
CA ASP A 108 -8.04 -13.33 10.02
C ASP A 108 -7.43 -12.02 9.54
N LEU A 109 -7.00 -11.18 10.46
CA LEU A 109 -6.31 -9.94 10.10
C LEU A 109 -4.82 -10.26 10.18
N VAL A 110 -4.21 -10.43 9.02
CA VAL A 110 -2.78 -10.75 8.91
C VAL A 110 -1.96 -9.48 8.67
N THR A 111 -1.09 -9.16 9.62
CA THR A 111 -0.30 -7.93 9.53
C THR A 111 1.22 -8.11 9.52
N GLY A 112 1.69 -9.34 9.55
CA GLY A 112 3.13 -9.58 9.59
C GLY A 112 3.89 -9.42 8.27
N GLY A 113 3.17 -9.26 7.16
CA GLY A 113 3.84 -9.10 5.88
C GLY A 113 4.37 -10.42 5.32
N GLU A 114 5.10 -10.35 4.22
CA GLU A 114 5.67 -11.54 3.61
C GLU A 114 6.75 -12.21 4.44
N LEU A 115 6.73 -13.53 4.43
CA LEU A 115 7.73 -14.31 5.15
C LEU A 115 9.11 -13.97 4.58
N PHE A 116 9.23 -13.93 3.26
CA PHE A 116 10.50 -13.65 2.62
C PHE A 116 11.08 -12.28 3.00
N GLU A 117 10.22 -11.30 3.24
CA GLU A 117 10.69 -9.97 3.62
C GLU A 117 11.18 -9.98 5.06
N ASP A 118 10.56 -10.81 5.90
CA ASP A 118 10.96 -10.92 7.30
C ASP A 118 12.30 -11.65 7.44
N ILE A 119 12.51 -12.69 6.65
CA ILE A 119 13.75 -13.44 6.71
C ILE A 119 14.99 -12.57 6.46
N VAL A 120 14.92 -11.68 5.48
CA VAL A 120 16.07 -10.85 5.15
C VAL A 120 16.44 -9.83 6.23
N ALA A 121 15.58 -9.65 7.23
CA ALA A 121 15.88 -8.70 8.30
C ALA A 121 16.45 -9.41 9.52
N ARG A 122 16.53 -10.74 9.46
CA ARG A 122 17.04 -11.53 10.57
C ARG A 122 18.56 -11.48 10.72
N GLU A 123 19.03 -11.50 11.96
CA GLU A 123 20.45 -11.48 12.22
C GLU A 123 21.04 -12.85 11.91
N PHE A 124 20.30 -13.88 12.29
CA PHE A 124 20.73 -15.26 12.06
C PHE A 124 19.64 -16.03 11.32
N TYR A 125 20.04 -16.78 10.30
CA TYR A 125 19.10 -17.58 9.51
C TYR A 125 19.82 -18.85 9.06
N SER A 126 19.29 -19.99 9.49
CA SER A 126 19.90 -21.27 9.15
C SER A 126 18.92 -22.25 8.52
N GLU A 127 19.42 -23.44 8.22
CA GLU A 127 18.61 -24.51 7.66
C GLU A 127 17.48 -24.83 8.61
N ALA A 128 17.80 -24.87 9.90
CA ALA A 128 16.81 -25.17 10.92
C ALA A 128 15.66 -24.17 10.82
N ASP A 129 15.98 -22.91 10.56
CA ASP A 129 14.92 -21.91 10.43
C ASP A 129 14.12 -22.18 9.15
N ALA A 130 14.81 -22.52 8.07
CA ALA A 130 14.13 -22.83 6.81
C ALA A 130 13.18 -24.02 7.02
N SER A 131 13.66 -25.02 7.75
CA SER A 131 12.87 -26.21 8.03
C SER A 131 11.61 -25.86 8.81
N HIS A 132 11.75 -24.98 9.81
CA HIS A 132 10.58 -24.58 10.60
C HIS A 132 9.54 -23.91 9.70
N CYS A 133 10.02 -23.08 8.79
CA CYS A 133 9.12 -22.39 7.86
C CYS A 133 8.38 -23.38 6.95
N ILE A 134 9.12 -24.27 6.30
CA ILE A 134 8.50 -25.22 5.40
C ILE A 134 7.59 -26.21 6.14
N GLN A 135 7.88 -26.46 7.42
CA GLN A 135 7.05 -27.37 8.21
C GLN A 135 5.64 -26.78 8.35
N GLN A 136 5.57 -25.49 8.62
CA GLN A 136 4.27 -24.82 8.77
C GLN A 136 3.53 -24.78 7.44
N ILE A 137 4.26 -24.51 6.36
CA ILE A 137 3.65 -24.46 5.04
C ILE A 137 3.09 -25.85 4.71
N LEU A 138 3.89 -26.89 4.99
CA LEU A 138 3.45 -28.25 4.72
C LEU A 138 2.23 -28.63 5.56
N GLU A 139 2.17 -28.14 6.79
CA GLU A 139 1.01 -28.44 7.62
C GLU A 139 -0.24 -27.85 7.01
N SER A 140 -0.16 -26.62 6.53
CA SER A 140 -1.33 -25.99 5.91
C SER A 140 -1.73 -26.74 4.64
N ILE A 141 -0.74 -27.15 3.86
CA ILE A 141 -1.01 -27.87 2.62
C ILE A 141 -1.60 -29.25 2.90
N ALA A 142 -1.06 -29.95 3.89
CA ALA A 142 -1.58 -31.27 4.23
C ALA A 142 -3.04 -31.16 4.64
N TYR A 143 -3.38 -30.09 5.35
CA TYR A 143 -4.75 -29.87 5.79
C TYR A 143 -5.65 -29.63 4.55
N CYS A 144 -5.21 -28.77 3.64
CA CYS A 144 -5.98 -28.51 2.44
C CYS A 144 -6.24 -29.82 1.71
N HIS A 145 -5.18 -30.58 1.47
CA HIS A 145 -5.29 -31.84 0.77
C HIS A 145 -6.19 -32.85 1.48
N SER A 146 -6.13 -32.92 2.81
CA SER A 146 -6.98 -33.87 3.53
C SER A 146 -8.45 -33.51 3.33
N ASN A 147 -8.70 -32.25 3.00
CA ASN A 147 -10.06 -31.78 2.78
C ASN A 147 -10.41 -31.72 1.29
N GLY A 148 -9.56 -32.37 0.47
CA GLY A 148 -9.78 -32.44 -0.97
C GLY A 148 -9.55 -31.17 -1.78
N ILE A 149 -8.85 -30.21 -1.20
CA ILE A 149 -8.60 -28.95 -1.89
C ILE A 149 -7.15 -28.74 -2.31
N VAL A 150 -6.96 -28.27 -3.55
CA VAL A 150 -5.63 -27.98 -4.04
C VAL A 150 -5.59 -26.46 -4.20
N HIS A 151 -4.54 -25.84 -3.64
CA HIS A 151 -4.38 -24.39 -3.66
C HIS A 151 -4.06 -23.84 -5.05
N ARG A 152 -3.07 -24.45 -5.69
CA ARG A 152 -2.63 -24.10 -7.05
C ARG A 152 -1.87 -22.79 -7.21
N ASN A 153 -1.72 -22.02 -6.14
CA ASN A 153 -1.02 -20.75 -6.29
C ASN A 153 -0.01 -20.45 -5.20
N LEU A 154 0.70 -21.48 -4.73
CA LEU A 154 1.72 -21.27 -3.71
C LEU A 154 2.86 -20.44 -4.29
N LYS A 155 3.21 -19.37 -3.61
CA LYS A 155 4.30 -18.50 -4.02
C LYS A 155 4.61 -17.54 -2.87
N PRO A 156 5.78 -16.85 -2.94
CA PRO A 156 6.19 -15.92 -1.89
C PRO A 156 5.13 -14.93 -1.43
N GLU A 157 4.45 -14.30 -2.37
CA GLU A 157 3.41 -13.33 -2.05
C GLU A 157 2.27 -13.90 -1.22
N ASN A 158 2.09 -15.22 -1.24
CA ASN A 158 1.01 -15.84 -0.48
C ASN A 158 1.46 -16.52 0.81
N LEU A 159 2.72 -16.28 1.19
CA LEU A 159 3.26 -16.84 2.42
C LEU A 159 3.46 -15.65 3.34
N LEU A 160 2.53 -15.46 4.26
CA LEU A 160 2.57 -14.32 5.17
C LEU A 160 2.82 -14.72 6.61
N LEU A 161 3.06 -13.71 7.46
CA LEU A 161 3.28 -13.93 8.89
C LEU A 161 2.08 -13.30 9.60
N ALA A 162 1.54 -14.00 10.58
CA ALA A 162 0.35 -13.53 11.31
C ALA A 162 0.44 -12.08 11.79
N SER A 163 1.59 -11.72 12.35
CA SER A 163 1.81 -10.37 12.85
C SER A 163 3.31 -10.08 12.87
N LYS A 164 3.68 -8.90 13.38
CA LYS A 164 5.07 -8.51 13.47
C LYS A 164 5.76 -9.10 14.69
N ALA A 165 4.97 -9.74 15.56
CA ALA A 165 5.50 -10.34 16.77
C ALA A 165 6.47 -11.47 16.48
N LYS A 166 7.53 -11.57 17.27
CA LYS A 166 8.51 -12.63 17.09
C LYS A 166 7.82 -13.98 17.26
N GLY A 167 8.15 -14.93 16.39
CA GLY A 167 7.55 -16.25 16.48
C GLY A 167 6.18 -16.36 15.86
N ALA A 168 5.69 -15.29 15.24
CA ALA A 168 4.38 -15.30 14.61
C ALA A 168 4.31 -16.47 13.63
N ALA A 169 3.11 -17.01 13.43
CA ALA A 169 2.94 -18.15 12.54
C ALA A 169 2.92 -17.78 11.06
N VAL A 170 3.36 -18.71 10.23
CA VAL A 170 3.34 -18.53 8.78
C VAL A 170 1.91 -18.84 8.34
N LYS A 171 1.31 -17.93 7.58
CA LYS A 171 -0.06 -18.11 7.12
C LYS A 171 -0.14 -18.24 5.60
N LEU A 172 -0.85 -19.25 5.12
CA LEU A 172 -1.03 -19.45 3.68
C LEU A 172 -2.25 -18.64 3.27
N ALA A 173 -2.07 -17.74 2.30
CA ALA A 173 -3.13 -16.87 1.82
C ALA A 173 -3.55 -17.06 0.36
N ASP A 174 -4.60 -16.33 -0.01
CA ASP A 174 -5.17 -16.28 -1.37
C ASP A 174 -5.60 -17.60 -1.98
N PHE A 175 -6.85 -17.97 -1.73
CA PHE A 175 -7.40 -19.20 -2.27
C PHE A 175 -8.27 -18.95 -3.50
N GLY A 176 -7.98 -17.85 -4.20
CA GLY A 176 -8.74 -17.51 -5.38
C GLY A 176 -8.67 -18.54 -6.48
N LEU A 177 -7.57 -19.30 -6.52
CA LEU A 177 -7.40 -20.32 -7.55
C LEU A 177 -7.63 -21.73 -7.03
N ALA A 178 -7.95 -21.85 -5.75
CA ALA A 178 -8.15 -23.17 -5.16
C ALA A 178 -9.40 -23.86 -5.70
N ILE A 179 -9.32 -25.17 -5.81
CA ILE A 179 -10.45 -25.97 -6.29
C ILE A 179 -10.59 -27.25 -5.49
N GLU A 180 -11.82 -27.75 -5.44
CA GLU A 180 -12.13 -28.97 -4.70
C GLU A 180 -11.97 -30.16 -5.65
N VAL A 181 -10.72 -30.55 -5.87
CA VAL A 181 -10.43 -31.66 -6.78
C VAL A 181 -10.85 -33.00 -6.20
N ASN A 182 -10.83 -33.11 -4.87
CA ASN A 182 -11.20 -34.37 -4.23
C ASN A 182 -10.44 -35.51 -4.90
N ASP A 183 -11.15 -36.57 -5.30
CA ASP A 183 -10.52 -37.72 -5.96
C ASP A 183 -10.68 -37.72 -7.48
N SER A 184 -11.06 -36.59 -8.07
CA SER A 184 -11.26 -36.53 -9.52
C SER A 184 -9.93 -36.52 -10.28
N GLU A 185 -10.00 -36.90 -11.55
CA GLU A 185 -8.81 -36.96 -12.42
C GLU A 185 -9.00 -36.22 -13.73
N ALA A 186 -8.36 -35.05 -13.88
CA ALA A 186 -8.44 -34.27 -15.10
C ALA A 186 -7.45 -33.12 -15.04
N TRP A 187 -7.28 -32.41 -16.16
CA TRP A 187 -6.40 -31.25 -16.25
C TRP A 187 -7.31 -30.04 -16.00
N HIS A 188 -7.06 -29.30 -14.91
CA HIS A 188 -7.91 -28.17 -14.53
C HIS A 188 -7.52 -26.81 -15.08
N GLY A 189 -6.70 -26.79 -16.12
CA GLY A 189 -6.31 -25.55 -16.74
C GLY A 189 -4.96 -24.98 -16.31
N PHE A 190 -4.61 -23.95 -17.00
CA PHE A 190 -3.38 -23.35 -16.68
C PHE A 190 -3.56 -22.26 -15.69
N ALA A 191 -3.29 -22.56 -14.46
CA ALA A 191 -3.29 -21.51 -13.50
C ALA A 191 -2.11 -21.72 -12.59
N GLY A 192 -1.68 -20.61 -12.00
CA GLY A 192 -0.55 -20.56 -11.08
C GLY A 192 0.57 -19.67 -11.62
N THR A 193 1.52 -19.30 -10.80
CA THR A 193 2.64 -18.49 -11.30
C THR A 193 3.62 -19.35 -12.06
N PRO A 194 4.19 -18.80 -13.15
CA PRO A 194 5.20 -19.48 -14.04
C PRO A 194 6.43 -20.19 -13.42
N GLY A 195 7.07 -19.61 -12.40
CA GLY A 195 8.26 -20.27 -11.82
C GLY A 195 7.90 -21.39 -10.82
N TYR A 196 6.61 -21.50 -10.48
CA TYR A 196 6.15 -22.49 -9.51
C TYR A 196 5.26 -23.57 -10.11
N LEU A 197 4.96 -23.46 -11.41
CA LEU A 197 4.09 -24.43 -12.09
C LEU A 197 4.77 -25.80 -12.15
N SER A 198 3.96 -26.85 -12.11
CA SER A 198 4.47 -28.22 -12.12
C SER A 198 4.51 -28.79 -13.54
N PRO A 199 5.32 -29.83 -13.76
CA PRO A 199 5.39 -30.42 -15.10
C PRO A 199 4.05 -30.92 -15.64
N GLU A 200 3.25 -31.57 -14.80
CA GLU A 200 1.98 -32.09 -15.28
C GLU A 200 1.01 -31.02 -15.76
N VAL A 201 1.03 -29.85 -15.12
CA VAL A 201 0.16 -28.75 -15.56
C VAL A 201 0.61 -28.27 -16.93
N LEU A 202 1.93 -28.10 -17.09
CA LEU A 202 2.51 -27.63 -18.34
C LEU A 202 2.35 -28.64 -19.49
N LYS A 203 2.29 -29.92 -19.16
CA LYS A 203 2.14 -30.98 -20.17
C LYS A 203 0.68 -31.20 -20.52
N LYS A 204 -0.21 -30.53 -19.82
CA LYS A 204 -1.65 -30.67 -20.02
C LYS A 204 -2.11 -32.08 -19.62
N ASP A 205 -1.40 -32.66 -18.66
CA ASP A 205 -1.75 -33.97 -18.13
C ASP A 205 -2.69 -33.75 -16.96
N PRO A 206 -3.40 -34.80 -16.51
CA PRO A 206 -4.29 -34.56 -15.37
C PRO A 206 -3.42 -34.25 -14.16
N TYR A 207 -3.93 -33.42 -13.25
CA TYR A 207 -3.14 -33.07 -12.08
C TYR A 207 -4.03 -32.87 -10.88
N SER A 208 -3.44 -32.90 -9.70
CA SER A 208 -4.20 -32.75 -8.48
C SER A 208 -3.33 -32.16 -7.38
N LYS A 209 -3.56 -32.63 -6.16
CA LYS A 209 -2.83 -32.17 -4.98
C LYS A 209 -1.30 -32.10 -5.13
N PRO A 210 -0.68 -33.05 -5.84
CA PRO A 210 0.78 -32.99 -5.99
C PRO A 210 1.36 -31.70 -6.57
N VAL A 211 0.57 -30.89 -7.28
CA VAL A 211 1.12 -29.64 -7.81
C VAL A 211 1.53 -28.70 -6.67
N ASP A 212 0.82 -28.76 -5.55
CA ASP A 212 1.17 -27.91 -4.42
C ASP A 212 2.53 -28.33 -3.82
N ILE A 213 2.81 -29.63 -3.87
CA ILE A 213 4.07 -30.14 -3.33
C ILE A 213 5.24 -29.69 -4.23
N TRP A 214 5.01 -29.67 -5.54
CA TRP A 214 6.05 -29.21 -6.45
C TRP A 214 6.38 -27.76 -6.10
N ALA A 215 5.34 -26.93 -5.96
CA ALA A 215 5.57 -25.53 -5.60
C ALA A 215 6.30 -25.45 -4.26
N CYS A 216 5.96 -26.34 -3.34
CA CYS A 216 6.61 -26.37 -2.03
C CYS A 216 8.10 -26.61 -2.20
N GLY A 217 8.47 -27.45 -3.17
CA GLY A 217 9.87 -27.75 -3.41
C GLY A 217 10.62 -26.54 -3.94
N VAL A 218 9.95 -25.77 -4.81
CA VAL A 218 10.55 -24.57 -5.37
C VAL A 218 10.76 -23.58 -4.24
N ILE A 219 9.76 -23.44 -3.38
CA ILE A 219 9.86 -22.53 -2.24
C ILE A 219 10.99 -22.95 -1.30
N LEU A 220 11.10 -24.25 -1.02
CA LEU A 220 12.14 -24.74 -0.11
C LEU A 220 13.53 -24.45 -0.68
N TYR A 221 13.68 -24.65 -1.99
CA TYR A 221 14.96 -24.37 -2.65
C TYR A 221 15.32 -22.90 -2.41
N ILE A 222 14.37 -22.00 -2.65
CA ILE A 222 14.62 -20.58 -2.45
C ILE A 222 14.94 -20.26 -0.98
N LEU A 223 14.22 -20.89 -0.05
CA LEU A 223 14.45 -20.67 1.38
C LEU A 223 15.87 -21.05 1.80
N LEU A 224 16.51 -21.96 1.07
CA LEU A 224 17.85 -22.38 1.43
C LEU A 224 18.98 -21.54 0.82
N VAL A 225 18.82 -21.08 -0.43
CA VAL A 225 19.89 -20.30 -1.05
C VAL A 225 19.52 -18.90 -1.54
N GLY A 226 18.24 -18.55 -1.53
CA GLY A 226 17.86 -17.20 -1.94
C GLY A 226 17.60 -16.91 -3.41
N TYR A 227 17.59 -17.96 -4.22
CA TYR A 227 17.29 -17.84 -5.66
C TYR A 227 16.55 -19.09 -6.10
N PRO A 228 15.77 -19.00 -7.21
CA PRO A 228 14.96 -20.12 -7.65
C PRO A 228 15.68 -21.22 -8.47
N PRO A 229 15.15 -22.45 -8.41
CA PRO A 229 15.72 -23.60 -9.13
C PRO A 229 15.44 -23.55 -10.62
N PHE A 230 14.31 -22.96 -11.00
CA PHE A 230 13.92 -22.85 -12.40
C PHE A 230 13.87 -21.36 -12.69
N TRP A 231 14.77 -20.89 -13.55
CA TRP A 231 14.88 -19.47 -13.82
C TRP A 231 15.36 -19.20 -15.24
N ASP A 232 14.56 -18.49 -16.03
CA ASP A 232 14.94 -18.14 -17.40
C ASP A 232 14.03 -17.04 -17.91
N GLU A 233 14.64 -16.03 -18.54
CA GLU A 233 13.89 -14.88 -19.07
C GLU A 233 12.97 -15.32 -20.20
N ASP A 234 13.35 -16.40 -20.88
CA ASP A 234 12.57 -16.93 -21.99
C ASP A 234 11.54 -17.89 -21.40
N GLN A 235 10.28 -17.49 -21.40
CA GLN A 235 9.20 -18.30 -20.85
C GLN A 235 9.16 -19.72 -21.40
N HIS A 236 9.43 -19.89 -22.69
CA HIS A 236 9.42 -21.22 -23.29
C HIS A 236 10.54 -22.07 -22.69
N ARG A 237 11.70 -21.46 -22.50
CA ARG A 237 12.84 -22.17 -21.93
C ARG A 237 12.57 -22.52 -20.47
N LEU A 238 11.90 -21.61 -19.76
CA LEU A 238 11.56 -21.84 -18.36
C LEU A 238 10.69 -23.09 -18.27
N TYR A 239 9.64 -23.15 -19.07
CA TYR A 239 8.74 -24.30 -19.04
C TYR A 239 9.42 -25.60 -19.48
N ALA A 240 10.36 -25.52 -20.41
CA ALA A 240 11.06 -26.73 -20.86
C ALA A 240 11.91 -27.21 -19.68
N GLN A 241 12.50 -26.25 -18.98
CA GLN A 241 13.36 -26.51 -17.83
C GLN A 241 12.54 -27.25 -16.76
N ILE A 242 11.36 -26.72 -16.45
CA ILE A 242 10.48 -27.31 -15.46
C ILE A 242 10.04 -28.71 -15.88
N LYS A 243 9.56 -28.85 -17.11
CA LYS A 243 9.09 -30.14 -17.59
C LYS A 243 10.17 -31.24 -17.51
N ALA A 244 11.42 -30.84 -17.66
CA ALA A 244 12.53 -31.79 -17.62
C ALA A 244 13.02 -32.03 -16.19
N GLY A 245 12.55 -31.22 -15.25
CA GLY A 245 12.97 -31.35 -13.87
C GLY A 245 14.46 -31.01 -13.82
N ALA A 246 14.85 -30.04 -14.63
CA ALA A 246 16.24 -29.64 -14.73
C ALA A 246 16.70 -28.52 -13.79
N TYR A 247 17.11 -28.92 -12.60
CA TYR A 247 17.63 -27.96 -11.62
C TYR A 247 18.89 -28.62 -11.06
N ASP A 248 19.72 -27.83 -10.39
CA ASP A 248 20.93 -28.40 -9.80
C ASP A 248 21.25 -27.66 -8.51
N TYR A 249 22.34 -28.07 -7.87
CA TYR A 249 22.77 -27.46 -6.62
C TYR A 249 24.21 -26.93 -6.79
N PRO A 250 24.35 -25.71 -7.36
CA PRO A 250 25.63 -25.04 -7.61
C PRO A 250 26.55 -24.82 -6.43
N SER A 251 27.85 -24.99 -6.66
CA SER A 251 28.85 -24.75 -5.62
C SER A 251 29.13 -23.25 -5.75
N PRO A 252 29.60 -22.60 -4.67
CA PRO A 252 29.87 -23.17 -3.35
C PRO A 252 28.70 -23.12 -2.36
N GLU A 253 27.67 -22.33 -2.63
CA GLU A 253 26.56 -22.21 -1.67
C GLU A 253 25.94 -23.52 -1.22
N TRP A 254 25.71 -24.45 -2.15
CA TRP A 254 25.09 -25.71 -1.74
C TRP A 254 26.03 -26.70 -1.07
N ASP A 255 27.33 -26.41 -1.08
CA ASP A 255 28.31 -27.32 -0.46
C ASP A 255 28.16 -27.46 1.05
N THR A 256 27.50 -26.49 1.67
CA THR A 256 27.29 -26.51 3.11
C THR A 256 25.85 -26.88 3.49
N VAL A 257 25.03 -27.19 2.49
CA VAL A 257 23.65 -27.59 2.76
C VAL A 257 23.67 -29.09 2.99
N THR A 258 22.93 -29.56 3.99
CA THR A 258 22.91 -30.99 4.28
C THR A 258 22.26 -31.82 3.18
N PRO A 259 22.67 -33.10 3.07
CA PRO A 259 22.11 -34.01 2.07
C PRO A 259 20.62 -34.20 2.36
N GLU A 260 20.25 -34.08 3.63
CA GLU A 260 18.85 -34.28 4.01
C GLU A 260 17.95 -33.19 3.43
N ALA A 261 18.44 -31.95 3.41
CA ALA A 261 17.64 -30.86 2.85
C ALA A 261 17.48 -31.12 1.35
N LYS A 262 18.59 -31.48 0.70
CA LYS A 262 18.55 -31.74 -0.74
C LYS A 262 17.66 -32.92 -1.08
N SER A 263 17.67 -33.94 -0.24
CA SER A 263 16.84 -35.14 -0.45
C SER A 263 15.36 -34.76 -0.36
N LEU A 264 15.02 -33.92 0.61
CA LEU A 264 13.63 -33.49 0.73
C LEU A 264 13.23 -32.74 -0.54
N ILE A 265 14.07 -31.82 -0.99
CA ILE A 265 13.75 -31.06 -2.20
C ILE A 265 13.58 -32.02 -3.38
N ASP A 266 14.51 -32.95 -3.54
CA ASP A 266 14.43 -33.92 -4.64
C ASP A 266 13.12 -34.67 -4.63
N SER A 267 12.63 -35.02 -3.43
CA SER A 267 11.39 -35.77 -3.32
C SER A 267 10.17 -34.94 -3.73
N MET A 268 10.29 -33.62 -3.65
CA MET A 268 9.19 -32.73 -4.03
C MET A 268 9.27 -32.38 -5.52
N LEU A 269 10.49 -32.15 -6.00
CA LEU A 269 10.72 -31.80 -7.40
C LEU A 269 10.93 -33.05 -8.25
N THR A 270 10.01 -33.99 -8.08
CA THR A 270 9.98 -35.23 -8.84
C THR A 270 8.99 -34.99 -10.00
N VAL A 271 9.45 -35.11 -11.25
CA VAL A 271 8.60 -34.84 -12.41
C VAL A 271 7.30 -35.65 -12.46
N ASN A 272 7.40 -36.95 -12.24
CA ASN A 272 6.21 -37.81 -12.27
C ASN A 272 5.46 -37.59 -10.95
N PRO A 273 4.24 -37.02 -11.00
CA PRO A 273 3.51 -36.79 -9.75
C PRO A 273 3.24 -38.04 -8.92
N LYS A 274 3.20 -39.20 -9.58
CA LYS A 274 2.95 -40.45 -8.88
C LYS A 274 4.12 -40.89 -8.01
N LYS A 275 5.29 -40.31 -8.24
CA LYS A 275 6.47 -40.66 -7.46
C LYS A 275 6.89 -39.50 -6.55
N ARG A 276 6.05 -38.47 -6.51
CA ARG A 276 6.35 -37.29 -5.70
C ARG A 276 5.86 -37.52 -4.27
N ILE A 277 6.61 -37.00 -3.31
CA ILE A 277 6.25 -37.14 -1.89
C ILE A 277 4.95 -36.36 -1.61
N THR A 278 4.17 -36.82 -0.63
CA THR A 278 2.94 -36.12 -0.24
C THR A 278 3.27 -35.24 0.97
N ALA A 279 2.37 -34.31 1.29
CA ALA A 279 2.58 -33.43 2.44
C ALA A 279 2.68 -34.25 3.73
N ASP A 280 1.79 -35.22 3.89
CA ASP A 280 1.80 -36.06 5.09
C ASP A 280 3.13 -36.78 5.25
N GLN A 281 3.67 -37.27 4.13
CA GLN A 281 4.94 -37.98 4.16
C GLN A 281 6.11 -37.04 4.45
N ALA A 282 6.07 -35.85 3.86
CA ALA A 282 7.13 -34.87 4.06
C ALA A 282 7.21 -34.45 5.53
N LEU A 283 6.07 -34.34 6.19
CA LEU A 283 6.05 -33.94 7.60
C LEU A 283 6.69 -34.97 8.54
N LYS A 284 6.99 -36.16 8.04
CA LYS A 284 7.61 -37.21 8.85
C LYS A 284 9.11 -37.39 8.58
N VAL A 285 9.65 -36.61 7.66
CA VAL A 285 11.07 -36.70 7.34
C VAL A 285 11.90 -36.07 8.48
N PRO A 286 12.98 -36.74 8.92
CA PRO A 286 13.83 -36.24 10.00
C PRO A 286 14.24 -34.78 9.93
N TRP A 287 14.57 -34.30 8.74
CA TRP A 287 14.99 -32.91 8.59
C TRP A 287 13.87 -31.95 9.02
N ILE A 288 12.62 -32.42 8.95
CA ILE A 288 11.45 -31.63 9.37
C ILE A 288 11.07 -31.93 10.82
N CYS A 289 10.92 -33.23 11.14
CA CYS A 289 10.50 -33.68 12.47
C CYS A 289 11.54 -33.54 13.56
N ASN A 290 12.81 -33.61 13.20
CA ASN A 290 13.89 -33.53 14.14
C ASN A 290 14.88 -32.49 13.69
N ARG A 291 14.37 -31.32 13.27
CA ARG A 291 15.23 -30.28 12.76
C ARG A 291 16.32 -29.84 13.72
N GLU A 292 16.06 -29.88 15.03
CA GLU A 292 17.05 -29.46 16.01
C GLU A 292 18.38 -30.20 15.84
N ARG A 293 18.31 -31.44 15.40
CA ARG A 293 19.52 -32.24 15.22
C ARG A 293 19.90 -32.50 13.77
N VAL A 294 18.90 -32.70 12.91
CA VAL A 294 19.15 -33.03 11.52
C VAL A 294 19.39 -31.84 10.58
N ALA A 295 18.85 -30.67 10.88
CA ALA A 295 19.07 -29.52 10.02
C ALA A 295 20.28 -28.75 10.53
N SER A 296 21.09 -28.23 9.61
CA SER A 296 22.27 -27.46 10.00
C SER A 296 21.84 -26.20 10.74
N ALA A 297 22.67 -25.76 11.69
CA ALA A 297 22.39 -24.58 12.48
C ALA A 297 23.25 -23.38 12.07
N ILE A 298 24.10 -23.58 11.07
CA ILE A 298 24.99 -22.52 10.62
C ILE A 298 24.26 -21.37 9.94
N HIS A 299 24.71 -20.14 10.21
CA HIS A 299 24.10 -18.98 9.62
C HIS A 299 24.43 -18.95 8.13
N ARG A 300 23.45 -18.61 7.31
CA ARG A 300 23.66 -18.56 5.87
C ARG A 300 23.52 -17.14 5.33
N GLN A 301 24.57 -16.34 5.50
CA GLN A 301 24.54 -14.96 5.06
C GLN A 301 24.30 -14.79 3.56
N ASP A 302 24.91 -15.65 2.73
CA ASP A 302 24.72 -15.50 1.29
C ASP A 302 23.26 -15.73 0.91
N THR A 303 22.55 -16.55 1.68
CA THR A 303 21.14 -16.80 1.42
C THR A 303 20.36 -15.51 1.65
N VAL A 304 20.67 -14.83 2.75
CA VAL A 304 20.01 -13.59 3.09
C VAL A 304 20.30 -12.55 2.01
N ASP A 305 21.56 -12.44 1.61
CA ASP A 305 21.94 -11.48 0.57
C ASP A 305 21.22 -11.77 -0.76
N CYS A 306 21.21 -13.03 -1.17
CA CYS A 306 20.54 -13.40 -2.41
C CYS A 306 19.05 -13.13 -2.32
N LEU A 307 18.46 -13.49 -1.18
CA LEU A 307 17.03 -13.30 -0.98
C LEU A 307 16.65 -11.81 -1.06
N LYS A 308 17.53 -10.94 -0.59
CA LYS A 308 17.25 -9.50 -0.65
C LYS A 308 17.12 -9.09 -2.12
N LYS A 309 18.00 -9.62 -2.96
CA LYS A 309 17.96 -9.31 -4.39
C LYS A 309 16.72 -9.93 -5.04
N PHE A 310 16.39 -11.14 -4.61
CA PHE A 310 15.22 -11.86 -5.11
C PHE A 310 13.96 -11.03 -4.83
N ASN A 311 13.86 -10.54 -3.59
CA ASN A 311 12.71 -9.72 -3.19
C ASN A 311 12.66 -8.41 -3.98
N ALA A 312 13.82 -7.77 -4.14
CA ALA A 312 13.91 -6.51 -4.88
C ALA A 312 13.50 -6.68 -6.34
N ARG A 313 13.90 -7.79 -6.95
CA ARG A 313 13.53 -8.04 -8.35
C ARG A 313 12.02 -8.19 -8.48
N ARG A 314 11.42 -8.89 -7.52
CA ARG A 314 9.98 -9.10 -7.54
C ARG A 314 9.26 -7.77 -7.34
N LYS A 315 9.78 -6.93 -6.46
CA LYS A 315 9.16 -5.63 -6.21
C LYS A 315 9.22 -4.75 -7.44
N LEU A 316 10.31 -4.84 -8.19
CA LEU A 316 10.46 -4.04 -9.40
C LEU A 316 9.48 -4.50 -10.48
N LYS A 317 9.35 -5.81 -10.66
CA LYS A 317 8.42 -6.32 -11.66
C LYS A 317 6.99 -5.92 -11.26
N GLY A 318 6.73 -5.92 -9.96
CA GLY A 318 5.42 -5.54 -9.48
C GLY A 318 5.13 -4.08 -9.74
N ALA A 319 6.13 -3.23 -9.58
CA ALA A 319 5.96 -1.81 -9.80
C ALA A 319 5.72 -1.56 -11.29
N ILE A 320 6.39 -2.32 -12.13
CA ILE A 320 6.21 -2.19 -13.59
C ILE A 320 4.77 -2.55 -13.95
N LEU A 321 4.26 -3.61 -13.33
CA LEU A 321 2.90 -4.07 -13.59
C LEU A 321 1.90 -3.00 -13.13
N THR A 322 2.14 -2.46 -11.94
CA THR A 322 1.28 -1.43 -11.38
C THR A 322 1.21 -0.22 -12.31
N THR A 323 2.34 0.10 -12.92
CA THR A 323 2.43 1.23 -13.85
C THR A 323 1.60 0.97 -15.11
N MET A 324 1.68 -0.25 -15.63
CA MET A 324 0.92 -0.60 -16.83
C MET A 324 -0.58 -0.59 -16.52
N ILE A 325 -0.95 -1.05 -15.33
CA ILE A 325 -2.36 -1.05 -14.95
C ILE A 325 -2.83 0.39 -14.80
N ALA A 326 -1.95 1.25 -14.29
CA ALA A 326 -2.28 2.66 -14.10
C ALA A 326 -2.47 3.34 -15.44
N THR A 327 -1.66 2.94 -16.41
CA THR A 327 -1.73 3.51 -17.75
C THR A 327 -3.04 3.12 -18.42
N ARG A 328 -3.49 1.90 -18.17
CA ARG A 328 -4.74 1.41 -18.75
C ARG A 328 -5.93 2.14 -18.16
N ASN A 329 -5.91 2.36 -16.85
CA ASN A 329 -7.00 3.05 -16.17
C ASN A 329 -7.15 4.47 -16.71
N LEU A 330 -6.02 5.12 -16.96
CA LEU A 330 -6.04 6.47 -17.50
C LEU A 330 -6.59 6.47 -18.92
N SER A 331 -6.04 5.60 -19.76
CA SER A 331 -6.48 5.50 -21.14
C SER A 331 -7.87 4.87 -21.23
N ASN A 332 -8.71 5.43 -22.10
CA ASN A 332 -10.06 4.92 -22.29
C ASN A 332 -10.58 5.22 -23.69
N PHE B 27 10.51 2.74 21.20
CA PHE B 27 9.27 2.48 20.39
C PHE B 27 8.80 1.05 20.53
N SER B 28 9.70 0.10 20.26
CA SER B 28 9.37 -1.32 20.34
C SER B 28 8.91 -1.77 21.71
N ASP B 29 9.29 -1.03 22.75
CA ASP B 29 8.88 -1.38 24.11
C ASP B 29 7.61 -0.66 24.53
N ASN B 30 7.12 0.24 23.68
CA ASN B 30 5.90 0.98 24.01
C ASN B 30 4.79 0.87 22.98
N TYR B 31 5.11 0.36 21.79
CA TYR B 31 4.11 0.22 20.74
C TYR B 31 4.20 -1.11 20.01
N ASP B 32 3.08 -1.53 19.45
CA ASP B 32 3.01 -2.77 18.67
C ASP B 32 2.48 -2.39 17.29
N VAL B 33 3.23 -2.74 16.25
CA VAL B 33 2.84 -2.42 14.89
C VAL B 33 1.76 -3.33 14.34
N LYS B 34 0.82 -2.75 13.59
CA LYS B 34 -0.28 -3.51 13.00
C LYS B 34 -0.29 -3.40 11.47
N GLU B 35 -1.48 -3.32 10.88
CA GLU B 35 -1.62 -3.24 9.43
C GLU B 35 -1.01 -2.00 8.78
N GLU B 36 -0.58 -2.16 7.53
CA GLU B 36 0.03 -1.08 6.77
C GLU B 36 -1.05 -0.12 6.25
N LEU B 37 -0.81 1.17 6.43
CA LEU B 37 -1.77 2.17 5.98
C LEU B 37 -1.30 2.87 4.71
N GLY B 38 0.01 2.78 4.44
CA GLY B 38 0.55 3.40 3.24
C GLY B 38 2.05 3.23 3.09
N LYS B 39 2.59 3.69 1.96
CA LYS B 39 4.01 3.61 1.69
C LYS B 39 4.54 4.84 0.95
N GLY B 40 5.85 4.89 0.77
CA GLY B 40 6.48 6.00 0.09
C GLY B 40 7.99 5.83 0.03
N ALA B 41 8.71 6.96 0.01
CA ALA B 41 10.16 6.93 -0.04
C ALA B 41 10.77 6.51 1.30
N PHE B 42 11.69 5.55 1.24
CA PHE B 42 12.37 5.02 2.42
C PHE B 42 11.56 4.97 3.72
N SER B 43 10.25 4.73 3.61
CA SER B 43 9.40 4.66 4.78
C SER B 43 8.01 4.08 4.53
N VAL B 44 7.46 3.46 5.56
CA VAL B 44 6.13 2.86 5.50
C VAL B 44 5.30 3.44 6.65
N VAL B 45 3.98 3.49 6.46
CA VAL B 45 3.08 4.00 7.49
C VAL B 45 2.18 2.85 7.94
N ARG B 46 2.27 2.49 9.21
CA ARG B 46 1.46 1.40 9.74
C ARG B 46 0.72 1.83 11.00
N ARG B 47 -0.44 1.23 11.21
CA ARG B 47 -1.22 1.50 12.40
C ARG B 47 -0.42 0.87 13.54
N CYS B 48 -0.42 1.51 14.70
CA CYS B 48 0.29 0.94 15.85
C CYS B 48 -0.53 1.22 17.10
N VAL B 49 -0.38 0.36 18.11
CA VAL B 49 -1.13 0.52 19.34
C VAL B 49 -0.19 0.75 20.52
N HIS B 50 -0.44 1.82 21.25
CA HIS B 50 0.34 2.16 22.44
C HIS B 50 -0.02 1.11 23.49
N LYS B 51 0.96 0.31 23.89
CA LYS B 51 0.75 -0.75 24.86
C LYS B 51 0.00 -0.36 26.13
N THR B 52 0.52 0.61 26.85
CA THR B 52 -0.08 1.05 28.11
C THR B 52 -1.49 1.64 28.05
N THR B 53 -1.73 2.54 27.11
CA THR B 53 -3.04 3.18 26.99
C THR B 53 -4.00 2.45 26.05
N GLY B 54 -3.45 1.71 25.09
CA GLY B 54 -4.29 1.00 24.15
C GLY B 54 -4.76 1.92 23.04
N LEU B 55 -4.28 3.16 23.07
CA LEU B 55 -4.63 4.16 22.06
C LEU B 55 -3.97 3.81 20.73
N GLU B 56 -4.70 4.06 19.64
CA GLU B 56 -4.20 3.77 18.30
C GLU B 56 -3.60 4.99 17.62
N PHE B 57 -2.55 4.76 16.83
CA PHE B 57 -1.88 5.83 16.12
C PHE B 57 -1.37 5.33 14.78
N ALA B 58 -0.87 6.25 13.97
CA ALA B 58 -0.32 5.91 12.67
C ALA B 58 1.18 6.18 12.81
N ALA B 59 1.99 5.15 12.64
CA ALA B 59 3.43 5.31 12.76
C ALA B 59 4.13 5.31 11.42
N LYS B 60 4.92 6.34 11.18
CA LYS B 60 5.68 6.45 9.94
C LYS B 60 7.07 5.91 10.27
N ILE B 61 7.36 4.71 9.80
CA ILE B 61 8.65 4.07 10.05
C ILE B 61 9.64 4.48 8.96
N ILE B 62 10.69 5.17 9.37
CA ILE B 62 11.70 5.65 8.46
C ILE B 62 13.03 4.93 8.62
N ASN B 63 13.52 4.34 7.54
CA ASN B 63 14.80 3.64 7.59
C ASN B 63 15.85 4.74 7.48
N THR B 64 16.71 4.87 8.48
CA THR B 64 17.73 5.91 8.49
C THR B 64 19.17 5.40 8.43
N LYS B 65 19.36 4.18 7.94
CA LYS B 65 20.70 3.61 7.86
C LYS B 65 21.64 4.36 6.91
N LYS B 66 21.07 5.16 6.01
CA LYS B 66 21.87 5.91 5.04
C LYS B 66 21.87 7.43 5.26
N LEU B 67 20.94 7.91 6.08
CA LEU B 67 20.85 9.35 6.34
C LEU B 67 22.16 9.94 6.88
N SER B 68 22.48 11.15 6.43
CA SER B 68 23.68 11.84 6.88
C SER B 68 23.33 12.67 8.10
N ALA B 69 24.31 13.39 8.63
CA ALA B 69 24.09 14.23 9.80
C ALA B 69 23.09 15.33 9.48
N ARG B 70 23.19 15.88 8.28
CA ARG B 70 22.30 16.96 7.86
C ARG B 70 20.89 16.43 7.58
N ASP B 71 20.82 15.18 7.10
CA ASP B 71 19.53 14.56 6.81
C ASP B 71 18.75 14.38 8.12
N PHE B 72 19.45 13.96 9.17
CA PHE B 72 18.84 13.77 10.47
C PHE B 72 18.34 15.10 11.00
N GLN B 73 19.09 16.17 10.69
CA GLN B 73 18.73 17.51 11.13
C GLN B 73 17.40 17.91 10.49
N LYS B 74 17.23 17.57 9.23
CA LYS B 74 16.00 17.88 8.49
C LYS B 74 14.84 17.07 9.06
N LEU B 75 15.14 15.87 9.53
CA LEU B 75 14.10 15.01 10.09
C LEU B 75 13.70 15.56 11.45
N GLU B 76 14.66 16.08 12.21
CA GLU B 76 14.34 16.64 13.52
C GLU B 76 13.57 17.94 13.34
N ARG B 77 13.80 18.59 12.20
CA ARG B 77 13.12 19.85 11.90
C ARG B 77 11.63 19.58 11.72
N GLU B 78 11.31 18.55 10.92
CA GLU B 78 9.92 18.18 10.68
C GLU B 78 9.23 17.85 11.99
N ALA B 79 9.92 17.07 12.83
CA ALA B 79 9.38 16.69 14.13
C ALA B 79 9.14 17.93 14.99
N ARG B 80 10.11 18.83 15.04
CA ARG B 80 9.99 20.05 15.83
C ARG B 80 8.79 20.87 15.38
N ILE B 81 8.66 21.06 14.06
CA ILE B 81 7.56 21.82 13.50
C ILE B 81 6.21 21.18 13.84
N CYS B 82 6.07 19.89 13.56
CA CYS B 82 4.82 19.20 13.84
C CYS B 82 4.42 19.30 15.32
N ARG B 83 5.37 19.12 16.22
CA ARG B 83 5.08 19.20 17.65
C ARG B 83 4.61 20.60 18.04
N LYS B 84 5.00 21.59 17.25
CA LYS B 84 4.62 22.97 17.51
C LYS B 84 3.23 23.25 16.95
N LEU B 85 2.75 22.37 16.09
CA LEU B 85 1.45 22.55 15.46
C LEU B 85 0.34 21.61 15.95
N GLN B 86 -0.50 22.12 16.84
CA GLN B 86 -1.63 21.36 17.37
C GLN B 86 -2.91 22.06 16.91
N HIS B 87 -3.51 21.52 15.85
CA HIS B 87 -4.72 22.10 15.27
C HIS B 87 -5.61 21.00 14.71
N PRO B 88 -6.94 21.17 14.80
CA PRO B 88 -7.90 20.18 14.30
C PRO B 88 -7.84 19.87 12.81
N ASN B 89 -7.17 20.71 12.02
CA ASN B 89 -7.06 20.46 10.59
C ASN B 89 -5.63 20.16 10.14
N ILE B 90 -4.82 19.71 11.08
CA ILE B 90 -3.43 19.36 10.80
C ILE B 90 -3.12 18.01 11.45
N VAL B 91 -2.43 17.14 10.72
CA VAL B 91 -2.08 15.83 11.29
C VAL B 91 -1.27 16.10 12.55
N ARG B 92 -1.71 15.53 13.67
CA ARG B 92 -1.06 15.74 14.95
C ARG B 92 0.02 14.70 15.30
N LEU B 93 1.23 15.19 15.57
CA LEU B 93 2.35 14.33 15.93
C LEU B 93 2.32 14.08 17.45
N HIS B 94 2.31 12.81 17.83
CA HIS B 94 2.26 12.42 19.25
C HIS B 94 3.64 12.14 19.82
N ASP B 95 4.53 11.60 19.00
CA ASP B 95 5.88 11.30 19.46
C ASP B 95 6.84 11.12 18.29
N SER B 96 8.14 11.26 18.59
CA SER B 96 9.20 11.13 17.61
C SER B 96 10.31 10.31 18.27
N ILE B 97 10.56 9.11 17.74
CA ILE B 97 11.58 8.24 18.33
C ILE B 97 12.62 7.73 17.34
N GLN B 98 13.88 7.78 17.76
CA GLN B 98 14.97 7.31 16.94
C GLN B 98 15.63 6.10 17.59
N GLU B 99 15.67 4.99 16.88
CA GLU B 99 16.28 3.78 17.41
C GLU B 99 17.48 3.39 16.55
N GLU B 100 17.90 2.14 16.64
CA GLU B 100 19.04 1.63 15.89
C GLU B 100 19.13 2.13 14.45
N SER B 101 18.30 1.56 13.57
CA SER B 101 18.32 1.93 12.17
C SER B 101 16.99 2.50 11.65
N PHE B 102 16.09 2.83 12.57
CA PHE B 102 14.80 3.39 12.17
C PHE B 102 14.37 4.53 13.06
N HIS B 103 13.58 5.42 12.47
CA HIS B 103 13.04 6.56 13.20
C HIS B 103 11.52 6.42 13.09
N TYR B 104 10.82 6.70 14.19
CA TYR B 104 9.37 6.59 14.18
C TYR B 104 8.69 7.90 14.50
N LEU B 105 7.82 8.33 13.60
CA LEU B 105 7.03 9.53 13.81
C LEU B 105 5.61 9.02 14.04
N VAL B 106 5.14 9.15 15.28
CA VAL B 106 3.81 8.68 15.63
C VAL B 106 2.77 9.78 15.54
N PHE B 107 1.83 9.62 14.61
CA PHE B 107 0.77 10.61 14.40
C PHE B 107 -0.59 10.02 14.75
N ASP B 108 -1.61 10.88 14.79
CA ASP B 108 -2.96 10.42 15.06
C ASP B 108 -3.38 9.59 13.86
N LEU B 109 -4.36 8.73 14.04
CA LEU B 109 -4.84 7.89 12.94
C LEU B 109 -5.66 8.73 11.95
N VAL B 110 -5.19 8.80 10.72
CA VAL B 110 -5.90 9.52 9.67
C VAL B 110 -6.17 8.43 8.64
N THR B 111 -7.42 7.99 8.57
CA THR B 111 -7.79 6.91 7.68
C THR B 111 -8.85 7.22 6.61
N GLY B 112 -9.16 8.49 6.43
CA GLY B 112 -10.16 8.85 5.44
C GLY B 112 -9.64 8.87 4.01
N GLY B 113 -8.33 8.79 3.85
CA GLY B 113 -7.75 8.81 2.52
C GLY B 113 -7.66 10.22 1.96
N GLU B 114 -7.22 10.33 0.71
CA GLU B 114 -7.08 11.62 0.05
C GLU B 114 -8.41 12.28 -0.29
N LEU B 115 -8.49 13.59 -0.03
CA LEU B 115 -9.71 14.35 -0.28
C LEU B 115 -10.22 14.21 -1.70
N PHE B 116 -9.31 14.32 -2.67
CA PHE B 116 -9.71 14.23 -4.07
C PHE B 116 -10.30 12.87 -4.43
N GLU B 117 -9.88 11.83 -3.72
CA GLU B 117 -10.40 10.48 -3.97
C GLU B 117 -11.82 10.37 -3.46
N ASP B 118 -12.09 11.02 -2.33
CA ASP B 118 -13.42 10.98 -1.73
C ASP B 118 -14.45 11.79 -2.51
N ILE B 119 -14.00 12.92 -3.06
CA ILE B 119 -14.89 13.79 -3.83
C ILE B 119 -15.46 13.11 -5.08
N VAL B 120 -14.62 12.38 -5.81
CA VAL B 120 -15.07 11.72 -7.03
C VAL B 120 -16.05 10.57 -6.74
N ALA B 121 -16.25 10.25 -5.46
CA ALA B 121 -17.16 9.17 -5.09
C ALA B 121 -18.46 9.69 -4.49
N ARG B 122 -18.61 11.01 -4.45
CA ARG B 122 -19.81 11.62 -3.89
C ARG B 122 -20.95 11.62 -4.91
N GLU B 123 -22.18 11.60 -4.41
CA GLU B 123 -23.36 11.61 -5.27
C GLU B 123 -23.52 13.04 -5.78
N PHE B 124 -23.35 13.99 -4.87
CA PHE B 124 -23.46 15.41 -5.19
C PHE B 124 -22.21 16.16 -4.76
N TYR B 125 -21.75 17.06 -5.60
CA TYR B 125 -20.57 17.87 -5.33
C TYR B 125 -20.75 19.26 -5.94
N SER B 126 -20.81 20.27 -5.08
CA SER B 126 -21.01 21.64 -5.54
C SER B 126 -19.92 22.61 -5.10
N GLU B 127 -20.15 23.88 -5.37
CA GLU B 127 -19.22 24.95 -5.01
C GLU B 127 -19.16 25.06 -3.49
N ALA B 128 -20.33 24.90 -2.85
CA ALA B 128 -20.42 24.98 -1.39
C ALA B 128 -19.54 23.91 -0.74
N ASP B 129 -19.47 22.75 -1.37
CA ASP B 129 -18.64 21.66 -0.84
C ASP B 129 -17.17 22.03 -0.99
N ALA B 130 -16.80 22.57 -2.15
CA ALA B 130 -15.42 22.98 -2.40
C ALA B 130 -15.03 24.09 -1.42
N SER B 131 -15.96 25.00 -1.17
CA SER B 131 -15.71 26.10 -0.23
C SER B 131 -15.43 25.57 1.17
N HIS B 132 -16.22 24.59 1.60
CA HIS B 132 -16.05 24.00 2.92
C HIS B 132 -14.66 23.37 3.04
N CYS B 133 -14.20 22.76 1.95
CA CYS B 133 -12.87 22.13 1.93
C CYS B 133 -11.80 23.21 2.05
N ILE B 134 -11.93 24.24 1.22
CA ILE B 134 -10.97 25.35 1.22
C ILE B 134 -10.94 26.06 2.56
N GLN B 135 -12.08 26.21 3.20
CA GLN B 135 -12.14 26.86 4.50
C GLN B 135 -11.25 26.12 5.49
N GLN B 136 -11.38 24.80 5.51
CA GLN B 136 -10.59 23.99 6.41
C GLN B 136 -9.10 24.07 6.06
N ILE B 137 -8.79 24.05 4.76
CA ILE B 137 -7.40 24.13 4.35
C ILE B 137 -6.82 25.49 4.77
N LEU B 138 -7.63 26.54 4.65
CA LEU B 138 -7.19 27.88 5.04
C LEU B 138 -6.95 28.01 6.53
N GLU B 139 -7.80 27.39 7.33
CA GLU B 139 -7.65 27.45 8.77
C GLU B 139 -6.34 26.78 9.18
N SER B 140 -6.01 25.66 8.51
CA SER B 140 -4.78 24.96 8.82
C SER B 140 -3.58 25.83 8.46
N ILE B 141 -3.66 26.45 7.28
CA ILE B 141 -2.60 27.33 6.79
C ILE B 141 -2.44 28.58 7.65
N ALA B 142 -3.57 29.19 8.01
CA ALA B 142 -3.55 30.39 8.83
C ALA B 142 -2.85 30.09 10.16
N TYR B 143 -3.10 28.90 10.69
CA TYR B 143 -2.49 28.49 11.95
C TYR B 143 -0.98 28.36 11.76
N CYS B 144 -0.56 27.68 10.70
CA CYS B 144 0.87 27.52 10.42
C CYS B 144 1.52 28.88 10.33
N HIS B 145 0.93 29.72 9.49
CA HIS B 145 1.45 31.06 9.26
C HIS B 145 1.52 31.91 10.53
N SER B 146 0.54 31.78 11.42
CA SER B 146 0.56 32.55 12.66
C SER B 146 1.69 32.07 13.57
N ASN B 147 2.15 30.84 13.33
CA ASN B 147 3.24 30.26 14.10
C ASN B 147 4.59 30.38 13.39
N GLY B 148 4.62 31.22 12.35
CA GLY B 148 5.85 31.46 11.61
C GLY B 148 6.28 30.35 10.67
N ILE B 149 5.40 29.39 10.42
CA ILE B 149 5.72 28.28 9.55
C ILE B 149 5.07 28.32 8.18
N VAL B 150 5.85 27.98 7.15
CA VAL B 150 5.35 27.93 5.78
C VAL B 150 5.50 26.47 5.34
N HIS B 151 4.39 25.87 4.92
CA HIS B 151 4.36 24.46 4.52
C HIS B 151 5.18 24.13 3.27
N ARG B 152 4.98 24.93 2.23
CA ARG B 152 5.71 24.77 0.97
C ARG B 152 5.37 23.53 0.15
N ASN B 153 4.45 22.70 0.62
CA ASN B 153 4.12 21.50 -0.16
C ASN B 153 2.62 21.23 -0.19
N LEU B 154 1.82 22.30 -0.22
CA LEU B 154 0.38 22.14 -0.26
C LEU B 154 -0.02 21.59 -1.63
N LYS B 155 -0.53 20.36 -1.64
CA LYS B 155 -0.96 19.71 -2.86
C LYS B 155 -1.99 18.61 -2.56
N PRO B 156 -2.68 18.09 -3.58
CA PRO B 156 -3.69 17.04 -3.42
C PRO B 156 -3.31 15.89 -2.50
N GLU B 157 -2.19 15.23 -2.77
CA GLU B 157 -1.76 14.10 -1.95
C GLU B 157 -1.53 14.42 -0.47
N ASN B 158 -1.45 15.71 -0.12
CA ASN B 158 -1.23 16.08 1.27
C ASN B 158 -2.46 16.63 1.97
N LEU B 159 -3.63 16.39 1.37
CA LEU B 159 -4.90 16.81 1.93
C LEU B 159 -5.66 15.51 2.20
N LEU B 160 -5.74 15.13 3.48
CA LEU B 160 -6.42 13.89 3.86
C LEU B 160 -7.67 14.13 4.70
N LEU B 161 -8.50 13.09 4.82
CA LEU B 161 -9.72 13.15 5.61
C LEU B 161 -9.50 12.35 6.88
N ALA B 162 -9.98 12.85 8.01
CA ALA B 162 -9.83 12.19 9.29
C ALA B 162 -10.25 10.73 9.23
N SER B 163 -11.35 10.46 8.53
CA SER B 163 -11.87 9.10 8.38
C SER B 163 -12.84 9.02 7.20
N LYS B 164 -13.51 7.88 7.06
CA LYS B 164 -14.47 7.68 5.98
C LYS B 164 -15.85 8.17 6.39
N ALA B 165 -15.99 8.57 7.66
CA ALA B 165 -17.26 9.05 8.17
C ALA B 165 -17.66 10.35 7.49
N LYS B 166 -18.97 10.60 7.43
CA LYS B 166 -19.46 11.83 6.82
C LYS B 166 -19.15 13.00 7.73
N GLY B 167 -18.65 14.09 7.15
CA GLY B 167 -18.31 15.25 7.93
C GLY B 167 -16.88 15.18 8.42
N ALA B 168 -16.16 14.14 8.00
CA ALA B 168 -14.77 13.97 8.39
C ALA B 168 -13.98 15.22 8.01
N ALA B 169 -13.24 15.77 8.97
CA ALA B 169 -12.46 16.97 8.74
C ALA B 169 -11.28 16.74 7.80
N VAL B 170 -10.90 17.80 7.07
CA VAL B 170 -9.77 17.73 6.16
C VAL B 170 -8.51 17.98 7.00
N LYS B 171 -7.46 17.21 6.73
CA LYS B 171 -6.21 17.34 7.48
C LYS B 171 -5.04 17.64 6.56
N LEU B 172 -4.23 18.63 6.94
CA LEU B 172 -3.05 19.01 6.17
C LEU B 172 -1.93 18.08 6.63
N ALA B 173 -1.25 17.43 5.68
CA ALA B 173 -0.18 16.51 6.04
C ALA B 173 1.14 16.79 5.36
N ASP B 174 2.15 16.01 5.74
CA ASP B 174 3.50 16.10 5.19
C ASP B 174 4.19 17.46 5.33
N PHE B 175 4.83 17.67 6.48
CA PHE B 175 5.55 18.91 6.74
C PHE B 175 7.03 18.71 6.46
N GLY B 176 7.32 17.75 5.58
CA GLY B 176 8.70 17.45 5.22
C GLY B 176 9.46 18.62 4.63
N LEU B 177 8.75 19.57 4.02
CA LEU B 177 9.42 20.73 3.42
C LEU B 177 9.15 22.02 4.18
N ALA B 178 8.34 21.93 5.24
CA ALA B 178 8.00 23.10 6.03
C ALA B 178 9.23 23.72 6.68
N ILE B 179 9.25 25.05 6.79
CA ILE B 179 10.35 25.75 7.43
C ILE B 179 9.83 26.88 8.31
N GLU B 180 10.57 27.19 9.36
CA GLU B 180 10.22 28.24 10.30
C GLU B 180 10.72 29.58 9.76
N VAL B 181 10.07 30.07 8.71
CA VAL B 181 10.45 31.32 8.07
C VAL B 181 10.22 32.55 8.94
N ASN B 182 9.25 32.48 9.84
CA ASN B 182 8.95 33.60 10.73
C ASN B 182 8.83 34.90 9.92
N ASP B 183 9.56 35.94 10.32
CA ASP B 183 9.50 37.22 9.61
C ASP B 183 10.70 37.47 8.71
N SER B 184 11.49 36.44 8.45
CA SER B 184 12.67 36.60 7.61
C SER B 184 12.31 36.68 6.13
N GLU B 185 13.20 37.26 5.32
CA GLU B 185 12.96 37.33 3.89
C GLU B 185 14.18 37.01 3.03
N ALA B 186 14.03 35.93 2.27
CA ALA B 186 15.06 35.43 1.38
C ALA B 186 14.44 34.32 0.55
N TRP B 187 15.18 33.83 -0.43
CA TRP B 187 14.74 32.76 -1.31
C TRP B 187 15.22 31.46 -0.66
N HIS B 188 14.29 30.51 -0.47
CA HIS B 188 14.60 29.26 0.19
C HIS B 188 14.78 28.04 -0.71
N GLY B 189 14.96 28.26 -2.01
CA GLY B 189 15.16 27.14 -2.91
C GLY B 189 13.95 26.70 -3.71
N PHE B 190 14.19 25.79 -4.65
CA PHE B 190 13.14 25.24 -5.50
C PHE B 190 12.57 23.99 -4.84
N ALA B 191 11.68 24.17 -3.87
CA ALA B 191 11.06 23.05 -3.20
C ALA B 191 9.57 23.02 -3.52
N GLY B 192 9.02 21.83 -3.68
CA GLY B 192 7.60 21.70 -3.98
C GLY B 192 7.33 21.09 -5.33
N THR B 193 6.05 21.00 -5.68
CA THR B 193 5.62 20.43 -6.96
C THR B 193 5.46 21.57 -7.98
N PRO B 194 6.04 21.39 -9.17
CA PRO B 194 5.99 22.39 -10.26
C PRO B 194 4.64 23.04 -10.56
N GLY B 195 3.59 22.24 -10.70
CA GLY B 195 2.27 22.81 -11.00
C GLY B 195 1.72 23.72 -9.91
N TYR B 196 2.30 23.64 -8.72
CA TYR B 196 1.85 24.43 -7.58
C TYR B 196 2.83 25.52 -7.15
N LEU B 197 3.98 25.59 -7.82
CA LEU B 197 4.99 26.58 -7.49
C LEU B 197 4.54 28.00 -7.81
N SER B 198 4.94 28.94 -6.95
CA SER B 198 4.59 30.34 -7.09
C SER B 198 5.59 31.08 -7.98
N PRO B 199 5.18 32.22 -8.55
CA PRO B 199 6.10 32.98 -9.40
C PRO B 199 7.38 33.42 -8.69
N GLU B 200 7.26 33.81 -7.41
CA GLU B 200 8.43 34.26 -6.65
C GLU B 200 9.52 33.20 -6.63
N VAL B 201 9.12 31.98 -6.29
CA VAL B 201 10.05 30.85 -6.22
C VAL B 201 10.73 30.64 -7.56
N LEU B 202 9.94 30.67 -8.62
CA LEU B 202 10.47 30.47 -9.96
C LEU B 202 11.32 31.64 -10.43
N LYS B 203 11.09 32.82 -9.85
CA LYS B 203 11.86 34.01 -10.22
C LYS B 203 13.08 34.15 -9.32
N LYS B 204 13.18 33.27 -8.33
CA LYS B 204 14.28 33.29 -7.37
C LYS B 204 14.24 34.54 -6.49
N ASP B 205 13.05 35.12 -6.35
CA ASP B 205 12.88 36.29 -5.50
C ASP B 205 12.60 35.79 -4.09
N PRO B 206 12.71 36.67 -3.09
CA PRO B 206 12.44 36.24 -1.72
C PRO B 206 11.00 35.74 -1.63
N TYR B 207 10.73 34.77 -0.77
CA TYR B 207 9.38 34.25 -0.61
C TYR B 207 9.13 33.74 0.80
N SER B 208 7.86 33.70 1.19
CA SER B 208 7.49 33.26 2.52
C SER B 208 6.10 32.63 2.53
N LYS B 209 5.33 32.90 3.59
CA LYS B 209 3.97 32.36 3.74
C LYS B 209 3.09 32.43 2.49
N PRO B 210 3.18 33.52 1.70
CA PRO B 210 2.34 33.64 0.50
C PRO B 210 2.39 32.47 -0.50
N VAL B 211 3.48 31.70 -0.51
CA VAL B 211 3.57 30.58 -1.44
C VAL B 211 2.48 29.55 -1.14
N ASP B 212 2.11 29.42 0.12
CA ASP B 212 1.06 28.47 0.51
C ASP B 212 -0.29 28.94 -0.04
N ILE B 213 -0.50 30.26 -0.06
CA ILE B 213 -1.75 30.82 -0.56
C ILE B 213 -1.87 30.58 -2.06
N TRP B 214 -0.77 30.74 -2.78
CA TRP B 214 -0.77 30.52 -4.21
C TRP B 214 -1.12 29.06 -4.50
N ALA B 215 -0.54 28.14 -3.73
CA ALA B 215 -0.82 26.72 -3.92
C ALA B 215 -2.30 26.47 -3.64
N CYS B 216 -2.80 27.10 -2.58
CA CYS B 216 -4.20 26.93 -2.21
C CYS B 216 -5.10 27.42 -3.36
N GLY B 217 -4.62 28.41 -4.11
CA GLY B 217 -5.39 28.92 -5.23
C GLY B 217 -5.44 27.94 -6.39
N VAL B 218 -4.33 27.25 -6.62
CA VAL B 218 -4.26 26.25 -7.68
C VAL B 218 -5.20 25.11 -7.32
N ILE B 219 -5.20 24.73 -6.04
CA ILE B 219 -6.07 23.66 -5.56
C ILE B 219 -7.54 24.05 -5.67
N LEU B 220 -7.88 25.29 -5.32
CA LEU B 220 -9.26 25.76 -5.39
C LEU B 220 -9.74 25.67 -6.83
N TYR B 221 -8.88 26.09 -7.76
CA TYR B 221 -9.23 26.05 -9.18
C TYR B 221 -9.56 24.62 -9.61
N ILE B 222 -8.75 23.68 -9.15
CA ILE B 222 -8.96 22.27 -9.48
C ILE B 222 -10.24 21.75 -8.83
N LEU B 223 -10.47 22.12 -7.58
CA LEU B 223 -11.68 21.68 -6.88
C LEU B 223 -12.96 22.17 -7.56
N LEU B 224 -12.85 23.20 -8.38
CA LEU B 224 -14.05 23.73 -9.04
C LEU B 224 -14.35 23.14 -10.42
N VAL B 225 -13.32 22.84 -11.22
CA VAL B 225 -13.54 22.29 -12.55
C VAL B 225 -12.87 20.95 -12.84
N GLY B 226 -11.98 20.51 -11.96
CA GLY B 226 -11.34 19.22 -12.17
C GLY B 226 -10.02 19.16 -12.91
N TYR B 227 -9.49 20.30 -13.33
CA TYR B 227 -8.21 20.35 -14.01
C TYR B 227 -7.42 21.56 -13.50
N PRO B 228 -6.09 21.54 -13.66
CA PRO B 228 -5.24 22.64 -13.19
C PRO B 228 -5.21 23.89 -14.07
N PRO B 229 -5.01 25.06 -13.45
CA PRO B 229 -4.94 26.35 -14.15
C PRO B 229 -3.66 26.51 -14.97
N PHE B 230 -2.59 25.84 -14.51
CA PHE B 230 -1.29 25.90 -15.19
C PHE B 230 -0.84 24.50 -15.59
N TRP B 231 -0.72 24.26 -16.89
CA TRP B 231 -0.29 22.96 -17.40
C TRP B 231 0.29 23.08 -18.80
N ASP B 232 1.28 22.24 -19.10
CA ASP B 232 1.91 22.24 -20.41
C ASP B 232 2.88 21.06 -20.56
N GLU B 233 3.27 20.78 -21.80
CA GLU B 233 4.17 19.69 -22.11
C GLU B 233 5.53 19.87 -21.41
N ASP B 234 6.30 20.84 -21.88
CA ASP B 234 7.62 21.11 -21.30
C ASP B 234 7.49 22.10 -20.15
N GLN B 235 8.24 21.86 -19.08
CA GLN B 235 8.20 22.73 -17.91
C GLN B 235 8.55 24.17 -18.22
N HIS B 236 9.35 24.38 -19.26
CA HIS B 236 9.75 25.74 -19.62
C HIS B 236 8.52 26.63 -19.83
N ARG B 237 7.61 26.20 -20.70
CA ARG B 237 6.41 26.98 -20.96
C ARG B 237 5.51 26.96 -19.73
N LEU B 238 5.54 25.86 -18.99
CA LEU B 238 4.74 25.72 -17.79
C LEU B 238 5.16 26.78 -16.78
N TYR B 239 6.47 26.92 -16.56
CA TYR B 239 6.98 27.90 -15.62
C TYR B 239 6.82 29.31 -16.19
N ALA B 240 6.74 29.39 -17.51
CA ALA B 240 6.57 30.68 -18.18
C ALA B 240 5.19 31.25 -17.90
N GLN B 241 4.16 30.41 -18.01
CA GLN B 241 2.80 30.86 -17.78
C GLN B 241 2.52 31.10 -16.31
N ILE B 242 3.24 30.40 -15.44
CA ILE B 242 3.07 30.58 -14.01
C ILE B 242 3.63 31.93 -13.58
N LYS B 243 4.83 32.25 -14.06
CA LYS B 243 5.45 33.52 -13.71
C LYS B 243 4.64 34.69 -14.23
N ALA B 244 3.93 34.47 -15.33
CA ALA B 244 3.11 35.50 -15.93
C ALA B 244 1.72 35.49 -15.30
N GLY B 245 1.44 34.46 -14.51
CA GLY B 245 0.15 34.34 -13.88
C GLY B 245 -0.91 34.24 -14.96
N ALA B 246 -0.55 33.53 -16.03
CA ALA B 246 -1.45 33.36 -17.16
C ALA B 246 -2.32 32.12 -17.10
N TYR B 247 -3.55 32.29 -16.64
CA TYR B 247 -4.52 31.21 -16.56
C TYR B 247 -5.86 31.79 -17.02
N ASP B 248 -6.79 30.93 -17.40
CA ASP B 248 -8.08 31.41 -17.87
C ASP B 248 -9.22 30.62 -17.25
N TYR B 249 -10.44 31.16 -17.36
CA TYR B 249 -11.63 30.44 -16.97
C TYR B 249 -12.43 30.07 -18.23
N PRO B 250 -12.07 28.97 -18.89
CA PRO B 250 -12.71 28.47 -20.12
C PRO B 250 -14.20 28.17 -20.06
N SER B 251 -14.91 28.50 -21.14
CA SER B 251 -16.32 28.21 -21.24
C SER B 251 -16.37 26.78 -21.78
N PRO B 252 -17.45 26.03 -21.53
CA PRO B 252 -18.63 26.45 -20.76
C PRO B 252 -18.59 26.16 -19.26
N GLU B 253 -17.67 25.31 -18.81
CA GLU B 253 -17.65 24.95 -17.40
C GLU B 253 -17.61 26.13 -16.42
N TRP B 254 -16.81 27.11 -16.70
CA TRP B 254 -16.74 28.22 -15.75
C TRP B 254 -17.93 29.16 -15.79
N ASP B 255 -18.81 29.02 -16.78
CA ASP B 255 -19.96 29.91 -16.88
C ASP B 255 -20.98 29.75 -15.76
N THR B 256 -20.90 28.64 -15.03
CA THR B 256 -21.82 28.40 -13.92
C THR B 256 -21.15 28.61 -12.56
N VAL B 257 -19.90 29.04 -12.58
CA VAL B 257 -19.15 29.30 -11.34
C VAL B 257 -19.39 30.74 -10.92
N THR B 258 -19.66 30.96 -9.64
CA THR B 258 -19.91 32.31 -9.13
C THR B 258 -18.72 33.24 -9.27
N PRO B 259 -18.98 34.55 -9.39
CA PRO B 259 -17.90 35.52 -9.52
C PRO B 259 -17.07 35.55 -8.24
N GLU B 260 -17.73 35.29 -7.11
CA GLU B 260 -17.03 35.30 -5.82
C GLU B 260 -15.97 34.21 -5.77
N ALA B 261 -16.26 33.05 -6.34
CA ALA B 261 -15.30 31.96 -6.36
C ALA B 261 -14.09 32.39 -7.20
N LYS B 262 -14.37 32.92 -8.39
CA LYS B 262 -13.32 33.38 -9.30
C LYS B 262 -12.52 34.51 -8.66
N SER B 263 -13.20 35.37 -7.93
CA SER B 263 -12.56 36.50 -7.27
C SER B 263 -11.55 36.01 -6.24
N LEU B 264 -11.96 35.04 -5.42
CA LEU B 264 -11.08 34.48 -4.40
C LEU B 264 -9.86 33.84 -5.06
N ILE B 265 -10.09 33.10 -6.15
CA ILE B 265 -8.98 32.47 -6.88
C ILE B 265 -8.03 33.54 -7.39
N ASP B 266 -8.58 34.60 -7.98
CA ASP B 266 -7.76 35.67 -8.51
C ASP B 266 -6.89 36.29 -7.42
N SER B 267 -7.46 36.50 -6.23
CA SER B 267 -6.69 37.09 -5.13
C SER B 267 -5.62 36.15 -4.61
N MET B 268 -5.79 34.85 -4.85
CA MET B 268 -4.79 33.88 -4.40
C MET B 268 -3.73 33.75 -5.48
N LEU B 269 -4.17 33.78 -6.74
CA LEU B 269 -3.24 33.66 -7.86
C LEU B 269 -2.75 35.02 -8.34
N THR B 270 -2.38 35.87 -7.39
CA THR B 270 -1.85 37.21 -7.67
C THR B 270 -0.33 37.07 -7.73
N VAL B 271 0.27 37.42 -8.87
CA VAL B 271 1.71 37.28 -9.04
C VAL B 271 2.56 37.96 -7.96
N ASN B 272 2.20 39.17 -7.58
CA ASN B 272 2.95 39.91 -6.56
C ASN B 272 2.56 39.46 -5.15
N PRO B 273 3.46 38.77 -4.45
CA PRO B 273 3.27 38.25 -3.09
C PRO B 273 2.67 39.25 -2.12
N LYS B 274 3.14 40.49 -2.21
CA LYS B 274 2.68 41.54 -1.33
C LYS B 274 1.23 41.93 -1.58
N LYS B 275 0.73 41.63 -2.77
CA LYS B 275 -0.65 41.95 -3.10
C LYS B 275 -1.57 40.74 -2.99
N ARG B 276 -0.95 39.58 -2.74
CA ARG B 276 -1.71 38.33 -2.59
C ARG B 276 -2.46 38.32 -1.26
N ILE B 277 -3.67 37.77 -1.29
CA ILE B 277 -4.50 37.70 -0.08
C ILE B 277 -3.86 36.76 0.94
N THR B 278 -4.04 37.04 2.22
CA THR B 278 -3.49 36.18 3.28
C THR B 278 -4.54 35.15 3.70
N ALA B 279 -4.14 34.16 4.49
CA ALA B 279 -5.09 33.15 4.94
C ALA B 279 -6.14 33.77 5.83
N ASP B 280 -5.72 34.62 6.77
CA ASP B 280 -6.68 35.26 7.67
C ASP B 280 -7.69 36.07 6.87
N GLN B 281 -7.22 36.75 5.83
CA GLN B 281 -8.09 37.55 4.98
C GLN B 281 -9.06 36.68 4.19
N ALA B 282 -8.55 35.61 3.60
CA ALA B 282 -9.37 34.69 2.81
C ALA B 282 -10.52 34.11 3.63
N LEU B 283 -10.26 33.84 4.91
CA LEU B 283 -11.28 33.27 5.79
C LEU B 283 -12.45 34.22 6.05
N LYS B 284 -12.29 35.50 5.72
CA LYS B 284 -13.36 36.48 5.94
C LYS B 284 -14.14 36.81 4.68
N VAL B 285 -13.81 36.14 3.58
CA VAL B 285 -14.50 36.36 2.32
C VAL B 285 -15.89 35.67 2.39
N PRO B 286 -16.95 36.37 1.97
CA PRO B 286 -18.31 35.81 1.99
C PRO B 286 -18.45 34.39 1.42
N TRP B 287 -17.80 34.14 0.29
CA TRP B 287 -17.85 32.82 -0.34
C TRP B 287 -17.37 31.76 0.66
N ILE B 288 -16.57 32.18 1.62
CA ILE B 288 -16.04 31.26 2.63
C ILE B 288 -16.84 31.27 3.94
N CYS B 289 -16.96 32.43 4.57
CA CYS B 289 -17.68 32.51 5.84
C CYS B 289 -19.20 32.48 5.73
N ASN B 290 -19.72 32.46 4.51
CA ASN B 290 -21.16 32.43 4.29
C ASN B 290 -21.44 31.62 3.03
N ARG B 291 -20.82 30.45 2.96
CA ARG B 291 -20.94 29.55 1.80
C ARG B 291 -22.38 29.09 1.53
N GLU B 292 -23.15 28.94 2.60
CA GLU B 292 -24.54 28.48 2.46
C GLU B 292 -25.36 29.39 1.56
N ARG B 293 -24.96 30.65 1.47
CA ARG B 293 -25.67 31.62 0.63
C ARG B 293 -24.89 32.09 -0.58
N VAL B 294 -23.59 32.31 -0.42
CA VAL B 294 -22.75 32.82 -1.49
C VAL B 294 -22.18 31.80 -2.48
N ALA B 295 -21.94 30.57 -2.02
CA ALA B 295 -21.40 29.54 -2.89
C ALA B 295 -22.55 28.79 -3.56
N SER B 296 -22.42 28.50 -4.85
CA SER B 296 -23.46 27.79 -5.57
C SER B 296 -23.70 26.41 -4.98
N ALA B 297 -24.92 25.90 -5.13
CA ALA B 297 -25.26 24.58 -4.59
C ALA B 297 -25.54 23.57 -5.69
N ILE B 298 -25.42 24.01 -6.94
CA ILE B 298 -25.67 23.11 -8.07
C ILE B 298 -24.59 22.03 -8.16
N HIS B 299 -25.01 20.83 -8.57
CA HIS B 299 -24.09 19.71 -8.71
C HIS B 299 -23.24 19.91 -9.96
N ARG B 300 -21.94 19.71 -9.82
CA ARG B 300 -21.03 19.87 -10.95
C ARG B 300 -20.48 18.50 -11.39
N GLN B 301 -21.29 17.77 -12.16
CA GLN B 301 -20.89 16.45 -12.63
C GLN B 301 -19.63 16.49 -13.47
N ASP B 302 -19.53 17.51 -14.33
CA ASP B 302 -18.37 17.65 -15.20
C ASP B 302 -17.07 17.74 -14.39
N THR B 303 -17.17 18.32 -13.20
CA THR B 303 -16.00 18.46 -12.33
C THR B 303 -15.60 17.08 -11.77
N VAL B 304 -16.61 16.31 -11.38
CA VAL B 304 -16.35 14.97 -10.85
C VAL B 304 -15.68 14.11 -11.92
N ASP B 305 -16.17 14.20 -13.15
CA ASP B 305 -15.58 13.42 -14.24
C ASP B 305 -14.14 13.84 -14.52
N CYS B 306 -13.90 15.14 -14.59
CA CYS B 306 -12.55 15.64 -14.83
C CYS B 306 -11.64 15.26 -13.66
N LEU B 307 -12.15 15.33 -12.43
CA LEU B 307 -11.33 14.96 -11.28
C LEU B 307 -10.88 13.52 -11.35
N LYS B 308 -11.72 12.66 -11.93
CA LYS B 308 -11.37 11.25 -12.05
C LYS B 308 -10.14 11.09 -12.94
N LYS B 309 -10.10 11.81 -14.05
CA LYS B 309 -8.96 11.73 -14.95
C LYS B 309 -7.74 12.37 -14.29
N PHE B 310 -7.99 13.43 -13.52
CA PHE B 310 -6.91 14.12 -12.81
C PHE B 310 -6.24 13.16 -11.84
N ASN B 311 -7.05 12.46 -11.03
CA ASN B 311 -6.52 11.50 -10.06
C ASN B 311 -5.81 10.34 -10.74
N ALA B 312 -6.37 9.87 -11.86
CA ALA B 312 -5.78 8.76 -12.60
C ALA B 312 -4.39 9.12 -13.08
N ARG B 313 -4.23 10.35 -13.56
CA ARG B 313 -2.93 10.83 -14.03
C ARG B 313 -1.98 10.90 -12.85
N ARG B 314 -2.52 11.29 -11.70
CA ARG B 314 -1.73 11.41 -10.49
C ARG B 314 -1.23 10.04 -10.05
N LYS B 315 -2.11 9.05 -10.06
CA LYS B 315 -1.74 7.70 -9.67
C LYS B 315 -0.71 7.13 -10.63
N LEU B 316 -0.77 7.53 -11.89
CA LEU B 316 0.19 7.05 -12.89
C LEU B 316 1.57 7.58 -12.57
N LYS B 317 1.69 8.88 -12.34
CA LYS B 317 2.99 9.47 -12.04
C LYS B 317 3.54 8.84 -10.77
N GLY B 318 2.67 8.58 -9.80
CA GLY B 318 3.10 7.97 -8.56
C GLY B 318 3.63 6.57 -8.83
N ALA B 319 3.01 5.89 -9.80
CA ALA B 319 3.41 4.54 -10.15
C ALA B 319 4.77 4.58 -10.85
N ILE B 320 4.99 5.63 -11.63
CA ILE B 320 6.25 5.80 -12.35
C ILE B 320 7.38 6.02 -11.35
N LEU B 321 7.09 6.84 -10.34
CA LEU B 321 8.07 7.16 -9.31
C LEU B 321 8.44 5.89 -8.54
N THR B 322 7.43 5.14 -8.12
CA THR B 322 7.65 3.89 -7.38
C THR B 322 8.57 2.96 -8.16
N THR B 323 8.39 2.91 -9.47
CA THR B 323 9.21 2.05 -10.32
C THR B 323 10.67 2.53 -10.32
N MET B 324 10.87 3.83 -10.40
CA MET B 324 12.22 4.38 -10.39
C MET B 324 12.89 4.07 -9.06
N ILE B 325 12.13 4.19 -7.98
CA ILE B 325 12.65 3.91 -6.65
C ILE B 325 13.07 2.44 -6.58
N ALA B 326 12.20 1.56 -7.06
CA ALA B 326 12.49 0.13 -7.05
C ALA B 326 13.72 -0.21 -7.87
N THR B 327 13.91 0.51 -8.98
CA THR B 327 15.06 0.30 -9.86
C THR B 327 16.33 0.67 -9.10
N ARG B 328 16.28 1.79 -8.40
CA ARG B 328 17.41 2.27 -7.61
C ARG B 328 17.74 1.29 -6.49
N ASN B 329 16.70 0.84 -5.78
CA ASN B 329 16.89 -0.11 -4.68
C ASN B 329 17.64 -1.36 -5.13
N LEU B 330 17.22 -1.92 -6.25
CA LEU B 330 17.85 -3.13 -6.78
C LEU B 330 19.31 -2.90 -7.12
N SER B 331 19.59 -1.80 -7.80
CA SER B 331 20.96 -1.47 -8.20
C SER B 331 21.83 -1.21 -6.97
N ASN B 332 21.24 -0.55 -5.97
CA ASN B 332 21.94 -0.24 -4.74
C ASN B 332 22.43 -1.51 -4.05
N LEU B 333 21.70 -2.61 -4.21
CA LEU B 333 22.07 -3.88 -3.62
C LEU B 333 23.24 -4.49 -4.38
N GLY B 334 23.13 -4.47 -5.72
CA GLY B 334 24.17 -5.04 -6.54
C GLY B 334 25.54 -4.48 -6.20
N ARG B 335 25.61 -3.18 -5.97
CA ARG B 335 26.87 -2.53 -5.63
C ARG B 335 27.18 -2.64 -4.14
#